data_2XHJ
#
_entry.id   2XHJ
#
_cell.length_a   45.805
_cell.length_b   45.805
_cell.length_c   102.439
_cell.angle_alpha   90.00
_cell.angle_beta   90.00
_cell.angle_gamma   90.00
#
_symmetry.space_group_name_H-M   'P 41 21 2'
#
loop_
_entity.id
_entity.type
_entity.pdbx_description
1 polymer 'CALCIUM-DEPENDENT CARBOHYDRATE BINDING MODULE'
2 non-polymer 'CALCIUM ION'
3 water water
#
_entity_poly.entity_id   1
_entity_poly.type   'polypeptide(L)'
_entity_poly.pdbx_seq_one_letter_code
;SNSITVRARGVNGQESVSLQVGGTTVQTWTLTTA(MSE)QDYTASTSLTGEIRVAFTNDATGRDVQVDYIVVNGQTRQAE
NQSVNTGVWANNQCGGSGNSEWLHCNGYISFGNVSLEHHHHHH
;
_entity_poly.pdbx_strand_id   A
#
# COMPACT_ATOMS: atom_id res chain seq x y z
N SER A 1 -5.21 3.71 -19.08
CA SER A 1 -4.30 3.50 -17.92
C SER A 1 -5.05 2.75 -16.86
N ASN A 2 -4.28 2.25 -15.89
CA ASN A 2 -4.81 1.57 -14.73
C ASN A 2 -5.11 2.57 -13.63
N SER A 3 -6.23 2.37 -12.98
CA SER A 3 -6.65 3.21 -11.88
C SER A 3 -6.38 2.48 -10.56
N ILE A 4 -5.72 3.21 -9.66
CA ILE A 4 -5.41 2.70 -8.33
C ILE A 4 -5.88 3.72 -7.27
N THR A 5 -6.69 3.25 -6.32
CA THR A 5 -7.12 4.01 -5.15
C THR A 5 -6.50 3.34 -3.93
N VAL A 6 -5.88 4.17 -3.07
CA VAL A 6 -5.31 3.73 -1.78
C VAL A 6 -6.17 4.33 -0.66
N ARG A 7 -6.64 3.49 0.26
CA ARG A 7 -7.40 3.94 1.42
C ARG A 7 -6.55 3.72 2.66
N ALA A 8 -6.11 4.83 3.26
CA ALA A 8 -5.16 4.78 4.36
C ALA A 8 -5.30 5.99 5.27
N ARG A 9 -4.66 5.86 6.42
CA ARG A 9 -4.58 6.92 7.42
C ARG A 9 -3.27 6.91 8.16
N GLY A 10 -2.96 8.06 8.73
CA GLY A 10 -1.82 8.18 9.63
C GLY A 10 -2.30 8.37 11.04
N VAL A 11 -1.47 7.99 12.01
CA VAL A 11 -1.86 8.17 13.43
C VAL A 11 -1.68 9.60 13.88
N ASN A 12 -0.70 10.32 13.33
CA ASN A 12 -0.54 11.75 13.74
C ASN A 12 -0.60 12.80 12.61
N GLY A 13 -0.85 12.34 11.39
CA GLY A 13 -1.07 13.23 10.24
C GLY A 13 0.20 13.82 9.64
N GLN A 14 1.36 13.33 10.10
CA GLN A 14 2.66 13.76 9.55
C GLN A 14 3.16 12.73 8.53
N GLU A 15 2.48 11.59 8.47
CA GLU A 15 2.94 10.45 7.70
C GLU A 15 2.83 10.67 6.17
N SER A 16 3.87 10.25 5.46
CA SER A 16 3.91 10.27 4.02
C SER A 16 3.96 8.87 3.48
N VAL A 17 3.09 8.61 2.48
CA VAL A 17 3.10 7.33 1.77
C VAL A 17 3.19 7.57 0.29
N SER A 18 3.82 6.60 -0.35
CA SER A 18 4.03 6.59 -1.77
C SER A 18 3.40 5.31 -2.38
N LEU A 19 2.70 5.52 -3.47
CA LEU A 19 2.25 4.45 -4.38
C LEU A 19 3.35 4.18 -5.39
N GLN A 20 3.88 2.95 -5.33
CA GLN A 20 4.94 2.51 -6.21
C GLN A 20 4.44 1.34 -7.05
N VAL A 21 4.75 1.39 -8.35
CA VAL A 21 4.40 0.31 -9.27
C VAL A 21 5.64 -0.09 -10.06
N GLY A 22 5.98 -1.36 -9.96
CA GLY A 22 7.19 -1.86 -10.58
C GLY A 22 8.44 -1.12 -10.15
N GLY A 23 8.40 -0.53 -8.95
CA GLY A 23 9.54 0.19 -8.38
C GLY A 23 9.54 1.68 -8.62
N THR A 24 8.59 2.13 -9.42
CA THR A 24 8.45 3.55 -9.77
C THR A 24 7.46 4.22 -8.87
N THR A 25 7.84 5.36 -8.30
CA THR A 25 6.87 6.10 -7.50
C THR A 25 5.97 6.89 -8.40
N VAL A 26 4.69 6.54 -8.35
CA VAL A 26 3.64 7.10 -9.18
C VAL A 26 3.04 8.35 -8.52
N GLN A 27 2.90 8.30 -7.21
CA GLN A 27 2.31 9.41 -6.47
C GLN A 27 2.71 9.28 -4.99
N THR A 28 2.70 10.42 -4.30
CA THR A 28 3.11 10.54 -2.89
C THR A 28 2.12 11.48 -2.24
N TRP A 29 1.63 11.12 -1.06
CA TRP A 29 0.64 11.90 -0.31
C TRP A 29 1.01 11.96 1.19
N THR A 30 0.74 13.10 1.80
CA THR A 30 0.72 13.22 3.26
C THR A 30 -0.68 12.82 3.73
N LEU A 31 -0.71 11.89 4.67
CA LEU A 31 -1.97 11.37 5.16
C LEU A 31 -2.57 12.29 6.22
N THR A 32 -3.86 12.13 6.42
CA THR A 32 -4.58 12.70 7.54
C THR A 32 -4.80 11.58 8.56
N THR A 33 -5.41 11.92 9.69
CA THR A 33 -5.66 10.96 10.76
C THR A 33 -6.95 10.19 10.52
N ALA A 34 -7.66 10.56 9.45
CA ALA A 34 -8.92 9.91 9.00
C ALA A 34 -8.62 8.97 7.84
N GLN A 36 -9.05 7.80 4.40
CA GLN A 36 -9.34 8.58 3.25
C GLN A 36 -8.87 7.84 2.01
N ASP A 37 -9.66 8.01 0.94
CA ASP A 37 -9.29 7.55 -0.40
C ASP A 37 -8.37 8.50 -1.12
N TYR A 38 -7.31 7.93 -1.67
CA TYR A 38 -6.32 8.62 -2.50
C TYR A 38 -6.17 7.92 -3.84
N THR A 39 -6.29 8.67 -4.95
CA THR A 39 -6.31 7.99 -6.27
C THR A 39 -5.24 8.47 -7.22
N ALA A 40 -4.82 7.55 -8.06
CA ALA A 40 -3.81 7.76 -9.07
C ALA A 40 -4.06 6.83 -10.24
N SER A 41 -3.43 7.17 -11.37
CA SER A 41 -3.47 6.34 -12.56
CA SER A 41 -3.46 6.39 -12.61
C SER A 41 -2.08 6.14 -13.14
N THR A 42 -1.89 4.99 -13.78
CA THR A 42 -0.64 4.67 -14.39
C THR A 42 -0.80 3.59 -15.46
N SER A 43 0.04 3.71 -16.48
CA SER A 43 0.11 2.66 -17.48
CA SER A 43 0.19 2.70 -17.53
C SER A 43 1.06 1.54 -17.08
N LEU A 44 1.81 1.75 -16.00
CA LEU A 44 2.72 0.75 -15.49
C LEU A 44 1.93 -0.45 -14.95
N THR A 45 2.51 -1.65 -15.04
CA THR A 45 1.76 -2.87 -14.68
C THR A 45 2.49 -3.73 -13.66
N GLY A 46 3.62 -3.27 -13.19
CA GLY A 46 4.37 -3.98 -12.14
C GLY A 46 3.73 -4.16 -10.76
N GLU A 47 4.55 -4.74 -9.87
CA GLU A 47 4.14 -4.93 -8.48
C GLU A 47 3.72 -3.61 -7.83
N ILE A 48 2.55 -3.60 -7.22
CA ILE A 48 2.03 -2.46 -6.52
C ILE A 48 2.47 -2.52 -5.07
N ARG A 49 3.10 -1.44 -4.62
CA ARG A 49 3.43 -1.24 -3.18
C ARG A 49 2.85 0.06 -2.65
N VAL A 50 2.33 0.01 -1.41
CA VAL A 50 2.06 1.19 -0.63
C VAL A 50 3.13 1.29 0.45
N ALA A 51 3.93 2.36 0.34
CA ALA A 51 5.18 2.53 1.09
C ALA A 51 5.07 3.72 2.03
N PHE A 52 5.38 3.45 3.30
CA PHE A 52 5.56 4.49 4.34
C PHE A 52 7.03 4.81 4.40
N THR A 53 7.33 6.10 4.23
CA THR A 53 8.72 6.52 3.98
C THR A 53 9.34 7.49 5.01
N ASN A 54 8.56 7.98 5.95
CA ASN A 54 9.07 9.00 6.87
C ASN A 54 8.76 8.71 8.33
N ASP A 55 9.07 7.48 8.71
CA ASP A 55 8.94 7.07 10.08
C ASP A 55 9.70 8.01 11.01
N ALA A 56 9.05 8.33 12.11
CA ALA A 56 9.61 9.17 13.18
C ALA A 56 8.80 8.91 14.41
N THR A 57 9.22 9.50 15.52
CA THR A 57 8.43 9.47 16.74
C THR A 57 7.01 9.90 16.50
N GLY A 58 6.10 9.00 16.87
CA GLY A 58 4.68 9.30 16.84
C GLY A 58 3.97 9.00 15.53
N ARG A 59 4.72 8.60 14.52
CA ARG A 59 4.19 8.34 13.17
C ARG A 59 3.99 6.84 12.88
N ASP A 60 2.83 6.48 12.36
CA ASP A 60 2.50 5.12 11.92
C ASP A 60 1.37 5.21 10.89
N VAL A 61 1.32 4.20 10.02
CA VAL A 61 0.35 4.15 8.93
C VAL A 61 -0.52 2.89 9.01
N GLN A 62 -1.81 3.09 8.75
CA GLN A 62 -2.76 2.01 8.67
C GLN A 62 -3.43 2.07 7.30
N VAL A 63 -3.31 0.97 6.55
CA VAL A 63 -3.89 0.86 5.22
C VAL A 63 -5.06 -0.14 5.24
N ASP A 64 -6.20 0.30 4.73
CA ASP A 64 -7.38 -0.50 4.70
C ASP A 64 -7.29 -1.46 3.49
N TYR A 65 -7.09 -0.85 2.34
CA TYR A 65 -7.10 -1.57 1.08
C TYR A 65 -6.63 -0.66 -0.05
N ILE A 66 -6.46 -1.29 -1.19
CA ILE A 66 -6.36 -0.56 -2.44
C ILE A 66 -7.44 -1.10 -3.39
N VAL A 67 -7.79 -0.28 -4.38
CA VAL A 67 -8.66 -0.71 -5.48
C VAL A 67 -7.86 -0.54 -6.76
N VAL A 68 -7.84 -1.61 -7.55
CA VAL A 68 -7.11 -1.67 -8.81
C VAL A 68 -8.10 -2.00 -9.91
N ASN A 69 -8.31 -1.02 -10.80
CA ASN A 69 -9.28 -1.22 -11.89
C ASN A 69 -10.63 -1.80 -11.35
N GLY A 70 -11.12 -1.18 -10.29
CA GLY A 70 -12.42 -1.48 -9.72
C GLY A 70 -12.48 -2.65 -8.74
N GLN A 71 -11.36 -3.30 -8.54
CA GLN A 71 -11.22 -4.50 -7.69
C GLN A 71 -10.50 -4.22 -6.39
N THR A 72 -11.15 -4.50 -5.26
CA THR A 72 -10.56 -4.23 -3.94
C THR A 72 -9.63 -5.37 -3.55
N ARG A 73 -8.46 -4.97 -3.08
CA ARG A 73 -7.45 -5.86 -2.49
C ARG A 73 -7.24 -5.37 -1.04
N GLN A 74 -7.71 -6.15 -0.09
CA GLN A 74 -7.62 -5.80 1.29
C GLN A 74 -6.19 -5.90 1.82
N ALA A 75 -5.74 -4.89 2.58
CA ALA A 75 -4.34 -4.85 3.09
C ALA A 75 -4.07 -6.12 3.97
N GLU A 76 -5.08 -6.48 4.75
CA GLU A 76 -4.95 -7.61 5.70
C GLU A 76 -4.83 -8.95 4.97
N ASN A 77 -5.24 -8.98 3.70
CA ASN A 77 -5.13 -10.18 2.88
CA ASN A 77 -5.13 -10.13 2.82
C ASN A 77 -3.80 -10.30 2.12
N GLN A 78 -2.90 -9.33 2.31
CA GLN A 78 -1.64 -9.33 1.60
C GLN A 78 -0.54 -10.01 2.44
N SER A 79 0.11 -11.00 1.84
CA SER A 79 1.13 -11.81 2.53
C SER A 79 2.49 -11.09 2.74
N VAL A 80 2.73 -10.01 2.03
CA VAL A 80 3.95 -9.21 2.18
C VAL A 80 3.71 -7.86 2.85
N ASN A 81 4.34 -7.72 4.02
CA ASN A 81 4.30 -6.48 4.82
C ASN A 81 5.67 -6.32 5.50
N THR A 82 6.40 -5.29 5.12
CA THR A 82 7.78 -5.14 5.54
C THR A 82 7.90 -4.08 6.64
N GLY A 83 6.77 -3.52 7.02
CA GLY A 83 6.71 -2.45 8.03
C GLY A 83 6.05 -2.68 9.39
N VAL A 84 5.19 -3.68 9.46
CA VAL A 84 4.46 -3.97 10.69
C VAL A 84 5.44 -4.37 11.78
N TRP A 85 5.21 -3.87 12.98
CA TRP A 85 6.04 -4.24 14.11
C TRP A 85 5.41 -5.43 14.81
N ALA A 86 6.05 -6.58 14.66
CA ALA A 86 5.53 -7.84 15.19
C ALA A 86 6.73 -8.77 15.46
N ASN A 87 6.65 -9.59 16.53
CA ASN A 87 7.78 -10.43 16.93
C ASN A 87 9.02 -9.59 17.04
N ASN A 88 8.85 -8.42 17.65
CA ASN A 88 9.91 -7.52 17.95
C ASN A 88 10.79 -7.11 16.79
N GLN A 89 10.19 -6.85 15.64
CA GLN A 89 10.96 -6.41 14.51
C GLN A 89 10.08 -5.85 13.44
N CYS A 90 10.66 -5.07 12.53
CA CYS A 90 9.96 -4.55 11.41
C CYS A 90 9.65 -5.64 10.42
N GLY A 91 8.43 -5.61 9.89
CA GLY A 91 8.00 -6.60 8.90
C GLY A 91 7.94 -7.98 9.49
N GLY A 92 7.51 -8.05 10.75
CA GLY A 92 7.52 -9.29 11.51
C GLY A 92 6.51 -10.33 11.04
N SER A 93 5.51 -9.86 10.30
CA SER A 93 4.35 -10.70 9.91
C SER A 93 3.77 -10.18 8.59
N GLY A 94 3.20 -11.10 7.80
CA GLY A 94 2.31 -10.73 6.71
C GLY A 94 0.92 -10.50 7.27
N ASN A 95 0.00 -10.13 6.38
CA ASN A 95 -1.40 -9.99 6.69
C ASN A 95 -1.70 -8.98 7.78
N SER A 96 -1.18 -7.78 7.59
CA SER A 96 -1.42 -6.67 8.50
C SER A 96 -1.72 -5.37 7.74
N GLU A 97 -2.60 -4.56 8.34
CA GLU A 97 -2.94 -3.23 7.83
C GLU A 97 -1.85 -2.23 8.17
N TRP A 98 -0.98 -2.60 9.10
CA TRP A 98 -0.08 -1.62 9.68
C TRP A 98 1.30 -1.56 9.09
N LEU A 99 1.74 -0.32 8.95
CA LEU A 99 3.15 0.02 8.72
C LEU A 99 3.60 0.95 9.83
N HIS A 100 4.35 0.35 10.75
CA HIS A 100 4.93 1.08 11.87
C HIS A 100 6.31 1.60 11.52
N CYS A 101 7.14 0.73 11.01
CA CYS A 101 8.42 1.11 10.48
C CYS A 101 8.26 1.55 9.04
N ASN A 102 9.30 2.22 8.53
CA ASN A 102 9.42 2.44 7.10
C ASN A 102 9.37 1.07 6.45
N GLY A 103 8.56 0.99 5.40
CA GLY A 103 8.42 -0.25 4.61
C GLY A 103 7.13 -0.17 3.82
N TYR A 104 6.64 -1.33 3.39
CA TYR A 104 5.51 -1.38 2.52
C TYR A 104 4.66 -2.60 2.65
N ILE A 105 3.43 -2.45 2.13
CA ILE A 105 2.56 -3.59 1.85
C ILE A 105 2.51 -3.77 0.36
N SER A 106 2.81 -4.97 -0.08
CA SER A 106 2.66 -5.34 -1.49
C SER A 106 1.32 -5.92 -1.77
N PHE A 107 0.73 -5.42 -2.84
CA PHE A 107 -0.62 -5.78 -3.25
C PHE A 107 -0.63 -6.56 -4.55
N GLY A 108 0.55 -7.00 -5.00
CA GLY A 108 0.61 -7.76 -6.22
C GLY A 108 0.77 -6.94 -7.46
N ASN A 109 1.07 -7.65 -8.55
CA ASN A 109 1.09 -7.06 -9.89
C ASN A 109 -0.27 -6.44 -10.22
N VAL A 110 -0.23 -5.41 -11.07
CA VAL A 110 -1.46 -4.77 -11.53
C VAL A 110 -2.39 -5.81 -12.15
N SER A 111 -1.83 -6.66 -13.02
CA SER A 111 -2.62 -7.68 -13.68
C SER A 111 -2.36 -9.05 -13.07
N LEU A 112 -3.46 -9.66 -12.64
CA LEU A 112 -3.47 -10.96 -12.03
C LEU A 112 -4.26 -11.94 -12.91
N GLU A 113 -4.07 -13.22 -12.62
CA GLU A 113 -4.59 -14.26 -13.47
C GLU A 113 -5.12 -15.41 -12.66
N HIS A 114 -6.22 -15.97 -13.17
CA HIS A 114 -6.74 -17.22 -12.63
C HIS A 114 -7.49 -17.97 -13.72
N HIS A 115 -7.07 -19.22 -13.97
CA HIS A 115 -7.67 -20.03 -15.04
C HIS A 115 -7.79 -19.24 -16.33
N HIS A 116 -6.71 -18.57 -16.70
CA HIS A 116 -6.60 -17.80 -17.97
C HIS A 116 -7.54 -16.65 -18.05
N HIS A 117 -8.08 -16.24 -16.89
CA HIS A 117 -8.83 -15.02 -16.78
C HIS A 117 -7.91 -14.00 -16.17
N HIS A 118 -7.83 -12.85 -16.82
CA HIS A 118 -6.90 -11.77 -16.42
C HIS A 118 -7.70 -10.63 -15.84
N HIS A 119 -7.32 -10.16 -14.68
CA HIS A 119 -8.11 -9.14 -13.97
C HIS A 119 -7.19 -8.18 -13.22
#